data_3VAJ
#
_entry.id   3VAJ
#
_cell.length_a   163.869
_cell.length_b   36.966
_cell.length_c   99.992
_cell.angle_alpha   90.000
_cell.angle_beta   125.660
_cell.angle_gamma   90.000
#
_symmetry.space_group_name_H-M   'C 1 2 1'
#
loop_
_entity.id
_entity.type
_entity.pdbx_description
1 polymer 'Splicing factor U2AF 65 kDa subunit'
2 polymer "DNA (5'-D(*UP*UP*UP*UP*(BRU)P*CP*U)-3')"
3 non-polymer '1,4-DIETHYLENE DIOXIDE'
4 non-polymer 'SULFATE ION'
5 non-polymer GLYCEROL
6 non-polymer N,N-BIS(3-D-GLUCONAMIDOPROPYL)DEOXYCHOLAMIDE
7 water water
#
loop_
_entity_poly.entity_id
_entity_poly.type
_entity_poly.pdbx_seq_one_letter_code
_entity_poly.pdbx_strand_id
1 'polypeptide(L)'
;GPLGSARRLYVGNIPFGITEEAMMDFFNAQMRLGGLTQAPGNPVLAVQINQDKNFAFLEFRSVDETTQAMAFDGIIFQGQ
SLKIRRPHDYQPLPGAHKLFIGGLPNYLNDDQVKELLTSFGPLKAFNLVKDSATGLSKGYAFCEYVDINVTDQAIAGLNG
MQLGDKKLLVQRAS
;
A,B
2 'polydeoxyribonucleotide' (DU)(DU)(DU)(DU)(BRU)(DC)(DU) P,E
#
loop_
_chem_comp.id
_chem_comp.type
_chem_comp.name
_chem_comp.formula
BRU DNA linking 5-BROMO-2'-DEOXYURIDINE-5'-MONOPHOSPHATE 'C9 H12 Br N2 O8 P'
CPQ non-polymer N,N-BIS(3-D-GLUCONAMIDOPROPYL)DEOXYCHOLAMIDE 'C42 H75 N3 O15'
DC DNA linking 2'-DEOXYCYTIDINE-5'-MONOPHOSPHATE 'C9 H14 N3 O7 P'
DIO non-polymer '1,4-DIETHYLENE DIOXIDE' 'C4 H8 O2'
DU DNA linking 2'-DEOXYURIDINE-5'-MONOPHOSPHATE 'C9 H13 N2 O8 P'
GOL non-polymer GLYCEROL 'C3 H8 O3'
SO4 non-polymer 'SULFATE ION' 'O4 S -2'
#
# COMPACT_ATOMS: atom_id res chain seq x y z
N GLY A 1 -5.25 -16.19 19.11
CA GLY A 1 -5.30 -17.67 19.26
C GLY A 1 -5.75 -18.35 17.97
N PRO A 2 -5.99 -19.67 18.02
CA PRO A 2 -6.39 -20.42 16.82
C PRO A 2 -7.56 -19.82 16.03
N LEU A 3 -8.54 -19.21 16.71
CA LEU A 3 -9.73 -18.66 16.04
C LEU A 3 -9.73 -17.13 15.88
N GLY A 4 -8.59 -16.50 16.13
CA GLY A 4 -8.45 -15.06 15.97
C GLY A 4 -8.31 -14.57 14.54
N SER A 5 -8.65 -13.30 14.33
CA SER A 5 -8.41 -12.55 13.09
C SER A 5 -9.08 -13.17 11.88
N ALA A 6 -10.25 -13.77 12.09
CA ALA A 6 -10.95 -14.49 11.02
C ALA A 6 -11.87 -13.60 10.15
N ARG A 7 -12.01 -12.32 10.49
CA ARG A 7 -12.90 -11.43 9.74
C ARG A 7 -12.26 -10.10 9.35
N ARG A 8 -10.94 -10.11 9.20
CA ARG A 8 -10.23 -8.94 8.79
C ARG A 8 -9.23 -9.33 7.70
N LEU A 9 -8.94 -8.40 6.81
CA LEU A 9 -7.90 -8.55 5.79
C LEU A 9 -6.99 -7.32 5.74
N TYR A 10 -5.71 -7.58 5.49
CA TYR A 10 -4.71 -6.56 5.19
C TYR A 10 -4.83 -6.15 3.72
N VAL A 11 -4.88 -4.84 3.49
CA VAL A 11 -4.80 -4.29 2.13
C VAL A 11 -3.61 -3.34 2.03
N GLY A 12 -2.65 -3.71 1.18
CA GLY A 12 -1.48 -2.87 0.91
C GLY A 12 -1.56 -2.18 -0.44
N ASN A 13 -0.68 -1.21 -0.65
CA ASN A 13 -0.58 -0.48 -1.91
C ASN A 13 -1.83 0.33 -2.23
N ILE A 14 -2.48 0.81 -1.18
CA ILE A 14 -3.71 1.58 -1.34
C ILE A 14 -3.40 2.92 -1.98
N PRO A 15 -4.38 3.50 -2.67
CA PRO A 15 -4.20 4.79 -3.32
C PRO A 15 -3.88 5.88 -2.31
N PHE A 16 -2.85 6.65 -2.64
CA PHE A 16 -2.44 7.77 -1.83
C PHE A 16 -3.61 8.74 -1.63
N GLY A 17 -3.90 9.07 -0.37
CA GLY A 17 -4.95 10.05 -0.04
C GLY A 17 -6.36 9.50 0.07
N ILE A 18 -6.53 8.21 -0.23
CA ILE A 18 -7.85 7.55 -0.19
C ILE A 18 -8.44 7.57 1.23
N THR A 19 -9.75 7.82 1.33
CA THR A 19 -10.45 7.80 2.61
C THR A 19 -10.90 6.38 2.95
N GLU A 20 -11.21 6.17 4.22
CA GLU A 20 -11.72 4.89 4.70
C GLU A 20 -13.09 4.59 4.12
N GLU A 21 -13.92 5.63 3.98
CA GLU A 21 -15.24 5.50 3.37
C GLU A 21 -15.18 5.12 1.90
N ALA A 22 -14.19 5.67 1.17
CA ALA A 22 -14.03 5.38 -0.25
C ALA A 22 -13.61 3.93 -0.46
N MET A 23 -12.67 3.48 0.36
CA MET A 23 -12.21 2.09 0.31
C MET A 23 -13.35 1.13 0.66
N MET A 24 -14.12 1.49 1.68
CA MET A 24 -15.24 0.67 2.11
C MET A 24 -16.28 0.53 1.00
N ASP A 25 -16.64 1.67 0.40
CA ASP A 25 -17.58 1.70 -0.71
C ASP A 25 -17.11 0.86 -1.89
N PHE A 26 -15.82 0.95 -2.19
CA PHE A 26 -15.23 0.21 -3.29
C PHE A 26 -15.32 -1.29 -3.07
N PHE A 27 -14.92 -1.76 -1.89
CA PHE A 27 -14.97 -3.19 -1.60
C PHE A 27 -16.38 -3.74 -1.50
N ASN A 28 -17.29 -2.99 -0.89
CA ASN A 28 -18.69 -3.41 -0.84
C ASN A 28 -19.29 -3.54 -2.25
N ALA A 29 -18.94 -2.60 -3.13
CA ALA A 29 -19.42 -2.62 -4.51
C ALA A 29 -18.82 -3.81 -5.28
N GLN A 30 -17.55 -4.09 -5.04
CA GLN A 30 -16.86 -5.23 -5.69
C GLN A 30 -17.41 -6.58 -5.21
N MET A 31 -17.64 -6.70 -3.91
CA MET A 31 -18.29 -7.88 -3.36
C MET A 31 -19.62 -8.15 -4.05
N ARG A 32 -20.37 -7.09 -4.30
CA ARG A 32 -21.63 -7.18 -5.00
C ARG A 32 -21.47 -7.50 -6.48
N LEU A 33 -20.68 -6.70 -7.19
CA LEU A 33 -20.50 -6.92 -8.63
C LEU A 33 -19.84 -8.26 -8.94
N GLY A 34 -18.93 -8.67 -8.06
CA GLY A 34 -18.18 -9.91 -8.25
C GLY A 34 -18.91 -11.15 -7.82
N GLY A 35 -20.07 -10.99 -7.19
CA GLY A 35 -20.91 -12.09 -6.74
C GLY A 35 -20.29 -12.87 -5.58
N LEU A 36 -19.64 -12.16 -4.65
CA LEU A 36 -19.01 -12.77 -3.48
C LEU A 36 -19.80 -12.51 -2.20
N THR A 37 -20.75 -11.58 -2.23
CA THR A 37 -21.61 -11.34 -1.08
CA THR A 37 -21.64 -11.33 -1.09
C THR A 37 -22.54 -12.53 -0.92
N GLN A 38 -22.82 -12.89 0.33
CA GLN A 38 -23.64 -14.06 0.63
C GLN A 38 -24.95 -13.71 1.31
N ALA A 39 -25.26 -12.42 1.42
CA ALA A 39 -26.55 -12.01 1.99
C ALA A 39 -26.82 -10.54 1.68
N PRO A 40 -28.07 -10.10 1.85
CA PRO A 40 -28.34 -8.66 1.77
C PRO A 40 -27.45 -7.89 2.71
N GLY A 41 -27.06 -6.68 2.31
CA GLY A 41 -26.31 -5.78 3.20
C GLY A 41 -24.83 -5.78 2.89
N ASN A 42 -24.11 -4.89 3.55
CA ASN A 42 -22.69 -4.69 3.27
C ASN A 42 -21.81 -5.71 3.98
N PRO A 43 -20.99 -6.47 3.22
CA PRO A 43 -20.04 -7.37 3.85
C PRO A 43 -18.91 -6.70 4.61
N VAL A 44 -18.49 -5.51 4.13
CA VAL A 44 -17.44 -4.75 4.80
C VAL A 44 -18.06 -3.75 5.77
N LEU A 45 -17.75 -3.94 7.05
CA LEU A 45 -18.32 -3.13 8.13
C LEU A 45 -17.53 -1.86 8.35
N ALA A 46 -16.24 -1.91 8.08
CA ALA A 46 -15.33 -0.82 8.44
C ALA A 46 -13.99 -1.01 7.79
N VAL A 47 -13.31 0.11 7.54
CA VAL A 47 -11.96 0.10 6.99
C VAL A 47 -11.13 0.99 7.90
N GLN A 48 -9.94 0.51 8.25
CA GLN A 48 -9.04 1.31 9.07
C GLN A 48 -7.73 1.53 8.30
N ILE A 49 -7.42 2.78 7.98
CA ILE A 49 -6.25 3.11 7.18
C ILE A 49 -5.12 3.65 8.04
N ASN A 50 -3.91 3.13 7.82
CA ASN A 50 -2.68 3.77 8.30
C ASN A 50 -2.07 4.56 7.14
N GLN A 51 -2.20 5.88 7.22
CA GLN A 51 -1.80 6.76 6.13
C GLN A 51 -0.28 6.82 5.99
N ASP A 52 0.42 6.84 7.12
CA ASP A 52 1.88 6.91 7.13
C ASP A 52 2.53 5.72 6.42
N LYS A 53 1.94 4.53 6.58
CA LYS A 53 2.52 3.28 6.04
C LYS A 53 1.70 2.68 4.90
N ASN A 54 0.70 3.42 4.45
CA ASN A 54 -0.06 3.07 3.25
C ASN A 54 -0.67 1.67 3.21
N PHE A 55 -1.32 1.29 4.31
CA PHE A 55 -2.08 0.05 4.31
C PHE A 55 -3.42 0.25 5.00
N ALA A 56 -4.34 -0.66 4.73
CA ALA A 56 -5.61 -0.68 5.42
C ALA A 56 -5.87 -2.07 5.95
N PHE A 57 -6.75 -2.13 6.94
CA PHE A 57 -7.43 -3.33 7.36
C PHE A 57 -8.92 -3.20 7.06
N LEU A 58 -9.46 -4.19 6.35
CA LEU A 58 -10.89 -4.30 6.15
C LEU A 58 -11.47 -5.15 7.25
N GLU A 59 -12.62 -4.76 7.76
CA GLU A 59 -13.32 -5.54 8.76
C GLU A 59 -14.61 -6.04 8.14
N PHE A 60 -14.77 -7.36 8.15
CA PHE A 60 -15.94 -8.02 7.51
C PHE A 60 -16.99 -8.48 8.54
N ARG A 61 -18.24 -8.59 8.09
CA ARG A 61 -19.33 -9.01 8.95
C ARG A 61 -19.33 -10.52 9.20
N SER A 62 -18.66 -11.28 8.34
CA SER A 62 -18.68 -12.73 8.40
C SER A 62 -17.33 -13.34 8.04
N VAL A 63 -17.14 -14.58 8.49
CA VAL A 63 -15.94 -15.34 8.25
C VAL A 63 -15.83 -15.73 6.78
N ASP A 64 -16.92 -16.22 6.21
CA ASP A 64 -16.90 -16.70 4.83
C ASP A 64 -16.67 -15.59 3.83
N GLU A 65 -17.26 -14.41 4.05
CA GLU A 65 -17.05 -13.28 3.12
C GLU A 65 -15.62 -12.74 3.19
N THR A 66 -15.01 -12.79 4.36
CA THR A 66 -13.58 -12.47 4.46
C THR A 66 -12.77 -13.38 3.54
N THR A 67 -13.03 -14.68 3.64
CA THR A 67 -12.33 -15.65 2.82
C THR A 67 -12.53 -15.38 1.32
N GLN A 68 -13.80 -15.10 0.95
CA GLN A 68 -14.17 -14.81 -0.43
C GLN A 68 -13.33 -13.67 -1.01
N ALA A 69 -13.21 -12.61 -0.23
CA ALA A 69 -12.57 -11.35 -0.64
C ALA A 69 -11.08 -11.48 -0.94
N MET A 70 -10.48 -12.58 -0.50
CA MET A 70 -9.07 -12.86 -0.85
C MET A 70 -8.86 -12.93 -2.37
N ALA A 71 -9.93 -13.26 -3.10
CA ALA A 71 -9.92 -13.30 -4.57
C ALA A 71 -9.67 -11.94 -5.22
N PHE A 72 -9.82 -10.86 -4.48
CA PHE A 72 -9.54 -9.51 -4.97
C PHE A 72 -8.07 -9.13 -4.99
N ASP A 73 -7.19 -10.05 -4.58
CA ASP A 73 -5.77 -9.75 -4.58
C ASP A 73 -5.36 -9.25 -5.96
N GLY A 74 -4.67 -8.11 -5.98
CA GLY A 74 -4.20 -7.50 -7.22
C GLY A 74 -5.19 -6.56 -7.92
N ILE A 75 -6.41 -6.47 -7.42
CA ILE A 75 -7.41 -5.61 -8.07
C ILE A 75 -6.90 -4.16 -8.16
N ILE A 76 -7.16 -3.51 -9.28
CA ILE A 76 -6.69 -2.14 -9.48
C ILE A 76 -7.74 -1.20 -8.92
N PHE A 77 -7.30 -0.32 -8.01
CA PHE A 77 -8.14 0.69 -7.40
C PHE A 77 -7.41 2.02 -7.56
N GLN A 78 -8.02 2.93 -8.33
CA GLN A 78 -7.40 4.22 -8.65
C GLN A 78 -5.94 4.09 -9.08
N GLY A 79 -5.68 3.17 -10.00
CA GLY A 79 -4.36 3.02 -10.62
C GLY A 79 -3.43 2.07 -9.87
N GLN A 80 -3.81 1.66 -8.67
CA GLN A 80 -2.96 0.83 -7.82
C GLN A 80 -3.44 -0.61 -7.73
N SER A 81 -2.54 -1.55 -7.91
CA SER A 81 -2.86 -2.96 -7.72
C SER A 81 -2.80 -3.28 -6.22
N LEU A 82 -3.95 -3.62 -5.63
CA LEU A 82 -4.04 -3.81 -4.20
C LEU A 82 -3.44 -5.16 -3.78
N LYS A 83 -2.72 -5.15 -2.68
CA LYS A 83 -2.15 -6.37 -2.10
C LYS A 83 -3.04 -6.83 -0.97
N ILE A 84 -3.70 -7.97 -1.14
CA ILE A 84 -4.68 -8.44 -0.18
C ILE A 84 -4.14 -9.68 0.50
N ARG A 85 -4.09 -9.66 1.83
CA ARG A 85 -3.47 -10.74 2.62
C ARG A 85 -4.24 -10.98 3.89
N ARG A 86 -4.09 -12.19 4.43
CA ARG A 86 -4.63 -12.49 5.75
C ARG A 86 -3.84 -11.67 6.77
N PRO A 87 -4.44 -11.36 7.93
CA PRO A 87 -3.65 -10.84 9.04
C PRO A 87 -2.57 -11.82 9.44
N HIS A 88 -1.43 -11.30 9.86
CA HIS A 88 -0.28 -12.14 10.22
C HIS A 88 -0.58 -13.14 11.34
N ASP A 89 -1.49 -12.80 12.24
CA ASP A 89 -1.86 -13.72 13.33
C ASP A 89 -3.10 -14.56 13.05
N TYR A 90 -3.52 -14.59 11.79
CA TYR A 90 -4.49 -15.54 11.30
C TYR A 90 -3.75 -16.82 10.93
N GLN A 91 -4.26 -17.95 11.39
CA GLN A 91 -3.67 -19.23 11.07
C GLN A 91 -4.78 -20.24 10.83
N PRO A 92 -4.70 -20.98 9.71
CA PRO A 92 -5.51 -22.19 9.54
C PRO A 92 -5.33 -23.17 10.67
N LEU A 93 -6.32 -24.03 10.85
CA LEU A 93 -6.25 -25.01 11.91
C LEU A 93 -5.15 -26.02 11.57
N PRO A 94 -4.52 -26.61 12.61
CA PRO A 94 -3.36 -27.46 12.34
C PRO A 94 -3.68 -28.62 11.41
N GLY A 95 -2.78 -28.89 10.46
CA GLY A 95 -2.96 -29.99 9.49
C GLY A 95 -3.85 -29.67 8.29
N ALA A 96 -4.39 -28.45 8.24
CA ALA A 96 -5.24 -28.02 7.13
C ALA A 96 -4.56 -28.10 5.77
N HIS A 97 -3.25 -27.87 5.75
CA HIS A 97 -2.46 -27.92 4.51
C HIS A 97 -1.25 -28.86 4.61
N LYS A 98 -1.41 -29.94 5.36
CA LYS A 98 -0.39 -30.98 5.43
C LYS A 98 -0.19 -31.57 4.05
N LEU A 99 1.07 -31.81 3.69
CA LEU A 99 1.44 -32.45 2.43
C LEU A 99 2.00 -33.84 2.65
N PHE A 100 1.62 -34.76 1.75
CA PHE A 100 2.29 -36.03 1.61
C PHE A 100 3.33 -35.91 0.48
N ILE A 101 4.54 -36.36 0.76
CA ILE A 101 5.61 -36.49 -0.24
C ILE A 101 5.97 -37.97 -0.44
N GLY A 102 5.60 -38.53 -1.58
CA GLY A 102 5.95 -39.90 -1.94
C GLY A 102 6.99 -40.02 -3.05
N GLY A 103 7.63 -41.19 -3.11
CA GLY A 103 8.62 -41.50 -4.13
C GLY A 103 10.02 -40.97 -3.88
N LEU A 104 10.37 -40.77 -2.61
CA LEU A 104 11.73 -40.31 -2.23
C LEU A 104 12.72 -41.48 -2.22
N PRO A 105 13.98 -41.22 -2.60
CA PRO A 105 15.00 -42.26 -2.46
C PRO A 105 15.20 -42.59 -0.99
N ASN A 106 15.25 -43.88 -0.64
CA ASN A 106 15.18 -44.23 0.78
C ASN A 106 16.50 -44.13 1.56
N TYR A 107 17.57 -43.81 0.86
CA TYR A 107 18.88 -43.61 1.48
C TYR A 107 19.10 -42.17 1.95
N LEU A 108 18.19 -41.27 1.59
CA LEU A 108 18.29 -39.86 2.00
C LEU A 108 17.72 -39.63 3.40
N ASN A 109 18.46 -38.84 4.20
CA ASN A 109 18.06 -38.57 5.60
C ASN A 109 17.09 -37.39 5.69
N ASP A 110 16.60 -37.14 6.90
CA ASP A 110 15.66 -36.06 7.18
C ASP A 110 16.08 -34.71 6.59
N ASP A 111 17.30 -34.28 6.90
CA ASP A 111 17.78 -32.97 6.47
C ASP A 111 17.94 -32.86 4.94
N GLN A 112 18.33 -33.96 4.32
CA GLN A 112 18.48 -34.02 2.85
C GLN A 112 17.13 -33.92 2.15
N VAL A 113 16.11 -34.58 2.71
CA VAL A 113 14.75 -34.48 2.19
C VAL A 113 14.20 -33.08 2.43
N LYS A 114 14.37 -32.55 3.64
CA LYS A 114 13.90 -31.21 3.98
C LYS A 114 14.44 -30.14 3.04
N GLU A 115 15.68 -30.32 2.56
CA GLU A 115 16.31 -29.36 1.67
C GLU A 115 15.47 -29.08 0.42
N LEU A 116 14.92 -30.14 -0.17
CA LEU A 116 14.09 -30.00 -1.37
C LEU A 116 12.84 -29.18 -1.05
N LEU A 117 12.29 -29.39 0.15
CA LEU A 117 11.04 -28.74 0.55
C LEU A 117 11.23 -27.29 0.96
N THR A 118 12.30 -27.02 1.72
CA THR A 118 12.54 -25.68 2.21
C THR A 118 12.95 -24.68 1.11
N SER A 119 13.36 -25.17 -0.07
CA SER A 119 13.59 -24.28 -1.23
C SER A 119 12.36 -23.42 -1.61
N PHE A 120 11.17 -23.87 -1.23
CA PHE A 120 9.91 -23.15 -1.51
C PHE A 120 9.49 -22.18 -0.39
N GLY A 121 9.99 -22.43 0.81
CA GLY A 121 9.67 -21.60 1.97
C GLY A 121 9.85 -22.40 3.24
N PRO A 122 9.90 -21.71 4.40
CA PRO A 122 10.08 -22.38 5.69
C PRO A 122 8.94 -23.33 6.05
N LEU A 123 9.29 -24.40 6.77
CA LEU A 123 8.33 -25.41 7.21
C LEU A 123 8.01 -25.20 8.69
N LYS A 124 6.74 -25.40 9.05
CA LYS A 124 6.37 -25.44 10.46
C LYS A 124 6.27 -26.87 10.97
N ALA A 125 6.22 -27.84 10.06
CA ALA A 125 6.17 -29.25 10.44
C ALA A 125 6.82 -30.08 9.35
N PHE A 126 7.50 -31.15 9.76
CA PHE A 126 8.10 -32.11 8.85
C PHE A 126 8.37 -33.43 9.56
N ASN A 127 8.08 -34.52 8.90
CA ASN A 127 8.57 -35.81 9.36
C ASN A 127 8.78 -36.76 8.20
N LEU A 128 9.94 -37.44 8.23
CA LEU A 128 10.27 -38.48 7.27
C LEU A 128 10.01 -39.81 7.95
N VAL A 129 9.15 -40.63 7.35
CA VAL A 129 8.75 -41.88 7.98
C VAL A 129 9.88 -42.90 7.81
N LYS A 130 10.29 -43.49 8.92
CA LYS A 130 11.39 -44.46 8.96
C LYS A 130 10.97 -45.71 9.72
N ASP A 131 11.60 -46.83 9.39
CA ASP A 131 11.41 -48.07 10.15
C ASP A 131 11.98 -47.88 11.55
N SER A 132 11.13 -47.85 12.57
CA SER A 132 11.57 -47.51 13.93
C SER A 132 12.77 -48.36 14.39
N ALA A 133 12.65 -49.68 14.23
CA ALA A 133 13.67 -50.62 14.71
C ALA A 133 15.04 -50.40 14.06
N THR A 134 15.06 -50.17 12.74
CA THR A 134 16.32 -49.96 12.02
C THR A 134 16.64 -48.48 11.79
N GLY A 135 15.61 -47.63 11.76
CA GLY A 135 15.78 -46.19 11.52
C GLY A 135 15.93 -45.79 10.05
N LEU A 136 15.54 -46.68 9.13
CA LEU A 136 15.77 -46.48 7.69
C LEU A 136 14.49 -46.02 7.00
N SER A 137 14.62 -45.21 5.95
CA SER A 137 13.46 -44.45 5.41
C SER A 137 12.55 -45.32 4.55
N LYS A 138 11.24 -45.08 4.69
CA LYS A 138 10.21 -45.78 3.92
C LYS A 138 9.91 -45.04 2.60
N GLY A 139 10.62 -43.95 2.37
CA GLY A 139 10.58 -43.25 1.10
C GLY A 139 9.45 -42.25 1.00
N TYR A 140 8.83 -41.93 2.13
CA TYR A 140 7.82 -40.88 2.14
C TYR A 140 7.84 -40.05 3.41
N ALA A 141 7.28 -38.85 3.27
CA ALA A 141 7.36 -37.84 4.31
C ALA A 141 6.08 -37.02 4.32
N PHE A 142 5.94 -36.22 5.37
CA PHE A 142 4.86 -35.27 5.52
C PHE A 142 5.44 -33.93 5.91
N CYS A 143 4.78 -32.87 5.47
CA CYS A 143 5.20 -31.54 5.87
C CYS A 143 4.08 -30.53 5.83
N GLU A 144 4.36 -29.39 6.43
CA GLU A 144 3.45 -28.26 6.46
C GLU A 144 4.30 -26.99 6.41
N TYR A 145 3.97 -26.11 5.47
CA TYR A 145 4.67 -24.82 5.35
C TYR A 145 4.13 -23.77 6.33
N VAL A 146 5.02 -22.89 6.81
CA VAL A 146 4.66 -21.76 7.67
C VAL A 146 3.65 -20.87 6.99
N ASP A 147 3.93 -20.54 5.73
CA ASP A 147 3.02 -19.80 4.88
C ASP A 147 2.19 -20.81 4.08
N ILE A 148 0.88 -20.83 4.32
CA ILE A 148 0.00 -21.79 3.64
C ILE A 148 -0.09 -21.56 2.12
N ASN A 149 0.20 -20.33 1.70
CA ASN A 149 0.29 -20.01 0.26
C ASN A 149 1.40 -20.79 -0.47
N VAL A 150 2.43 -21.19 0.27
CA VAL A 150 3.55 -21.90 -0.33
C VAL A 150 3.16 -23.34 -0.72
N THR A 151 2.15 -23.90 -0.05
CA THR A 151 1.69 -25.27 -0.26
C THR A 151 1.45 -25.60 -1.74
N ASP A 152 0.67 -24.77 -2.41
CA ASP A 152 0.37 -24.97 -3.83
C ASP A 152 1.60 -24.77 -4.74
N GLN A 153 2.51 -23.90 -4.33
CA GLN A 153 3.75 -23.71 -5.08
C GLN A 153 4.65 -24.96 -5.02
N ALA A 154 4.73 -25.60 -3.85
CA ALA A 154 5.50 -26.83 -3.68
C ALA A 154 4.88 -27.99 -4.47
N ILE A 155 3.56 -28.09 -4.43
CA ILE A 155 2.84 -29.09 -5.22
C ILE A 155 3.13 -28.88 -6.72
N ALA A 156 2.97 -27.64 -7.19
CA ALA A 156 3.23 -27.30 -8.59
C ALA A 156 4.68 -27.56 -9.00
N GLY A 157 5.62 -27.31 -8.10
CA GLY A 157 7.03 -27.44 -8.41
C GLY A 157 7.61 -28.84 -8.29
N LEU A 158 6.95 -29.69 -7.49
CA LEU A 158 7.51 -31.01 -7.16
C LEU A 158 6.63 -32.19 -7.59
N ASN A 159 5.31 -32.00 -7.68
CA ASN A 159 4.43 -33.10 -8.03
C ASN A 159 4.65 -33.57 -9.46
N GLY A 160 4.76 -34.90 -9.61
CA GLY A 160 4.99 -35.51 -10.91
C GLY A 160 6.38 -35.31 -11.46
N MET A 161 7.30 -34.75 -10.66
CA MET A 161 8.62 -34.40 -11.17
C MET A 161 9.61 -35.55 -11.00
N GLN A 162 10.60 -35.60 -11.88
CA GLN A 162 11.57 -36.69 -11.87
C GLN A 162 12.58 -36.44 -10.74
N LEU A 163 12.76 -37.44 -9.88
CA LEU A 163 13.80 -37.42 -8.85
C LEU A 163 14.44 -38.80 -8.88
N GLY A 164 15.62 -38.88 -9.49
CA GLY A 164 16.29 -40.16 -9.72
C GLY A 164 15.48 -40.97 -10.72
N ASP A 165 15.31 -42.26 -10.43
CA ASP A 165 14.48 -43.12 -11.28
C ASP A 165 13.00 -43.02 -10.94
N LYS A 166 12.66 -42.22 -9.93
CA LYS A 166 11.29 -42.13 -9.42
C LYS A 166 10.61 -40.85 -9.86
N LYS A 167 9.27 -40.91 -9.94
CA LYS A 167 8.46 -39.72 -10.09
C LYS A 167 7.89 -39.35 -8.73
N LEU A 168 8.13 -38.11 -8.32
CA LEU A 168 7.62 -37.63 -7.03
C LEU A 168 6.11 -37.45 -7.03
N LEU A 169 5.51 -37.76 -5.88
CA LEU A 169 4.11 -37.43 -5.61
C LEU A 169 4.09 -36.43 -4.47
N VAL A 170 3.53 -35.26 -4.73
CA VAL A 170 3.35 -34.25 -3.70
C VAL A 170 1.90 -33.83 -3.77
N GLN A 171 1.17 -34.07 -2.68
CA GLN A 171 -0.25 -33.76 -2.65
C GLN A 171 -0.68 -33.47 -1.24
N ARG A 172 -1.81 -32.76 -1.10
CA ARG A 172 -2.38 -32.52 0.24
C ARG A 172 -2.71 -33.87 0.87
N ALA A 173 -2.27 -34.07 2.11
CA ALA A 173 -2.35 -35.37 2.76
C ALA A 173 -3.78 -35.81 3.08
N SER A 174 -4.75 -34.89 2.97
CA SER A 174 -6.16 -35.27 3.01
C SER A 174 -7.01 -34.41 2.07
N GLY B 1 1.99 18.28 1.50
CA GLY B 1 2.62 18.67 0.21
C GLY B 1 1.95 18.07 -1.02
N PRO B 2 1.77 16.72 -1.03
CA PRO B 2 1.18 16.07 -2.21
C PRO B 2 -0.31 16.42 -2.33
N LEU B 3 -1.00 16.45 -1.19
CA LEU B 3 -2.34 16.99 -1.11
C LEU B 3 -2.35 18.48 -0.71
N GLY B 4 -1.23 19.02 -0.23
CA GLY B 4 -1.14 20.45 0.12
C GLY B 4 -1.31 21.39 -1.06
N SER B 5 -0.53 21.13 -2.11
CA SER B 5 -0.72 21.78 -3.40
C SER B 5 -2.02 21.36 -4.09
N ALA B 6 -2.67 20.30 -3.57
CA ALA B 6 -4.00 19.88 -4.06
C ALA B 6 -5.14 20.68 -3.42
N ARG B 7 -4.81 21.62 -2.53
CA ARG B 7 -5.80 22.44 -1.85
C ARG B 7 -5.50 23.94 -2.02
N ARG B 8 -4.78 24.30 -3.07
CA ARG B 8 -4.57 25.71 -3.38
C ARG B 8 -4.69 25.98 -4.86
N LEU B 9 -5.01 27.23 -5.17
CA LEU B 9 -5.11 27.69 -6.54
C LEU B 9 -4.45 29.02 -6.72
N TYR B 10 -3.81 29.19 -7.86
CA TYR B 10 -3.29 30.47 -8.28
C TYR B 10 -4.40 31.37 -8.86
N VAL B 11 -4.43 32.63 -8.45
CA VAL B 11 -5.35 33.63 -9.01
C VAL B 11 -4.58 34.81 -9.60
N GLY B 12 -4.76 35.06 -10.90
CA GLY B 12 -4.12 36.19 -11.59
C GLY B 12 -5.13 37.25 -11.98
N ASN B 13 -4.60 38.40 -12.36
CA ASN B 13 -5.37 39.56 -12.80
C ASN B 13 -6.26 40.13 -11.68
N ILE B 14 -5.74 40.16 -10.46
CA ILE B 14 -6.52 40.60 -9.33
C ILE B 14 -6.72 42.13 -9.37
N PRO B 15 -7.87 42.63 -8.85
CA PRO B 15 -8.12 44.08 -8.82
C PRO B 15 -7.10 44.84 -7.97
N PHE B 16 -6.74 46.05 -8.39
CA PHE B 16 -5.80 46.87 -7.62
C PHE B 16 -6.37 47.16 -6.22
N GLY B 17 -5.50 47.09 -5.21
CA GLY B 17 -5.89 47.45 -3.84
C GLY B 17 -6.78 46.44 -3.13
N ILE B 18 -6.95 45.27 -3.70
CA ILE B 18 -7.80 44.23 -3.12
C ILE B 18 -7.12 43.67 -1.88
N THR B 19 -7.92 43.32 -0.87
CA THR B 19 -7.38 42.72 0.33
C THR B 19 -7.61 41.21 0.29
N GLU B 20 -6.87 40.51 1.13
CA GLU B 20 -6.96 39.06 1.22
C GLU B 20 -8.32 38.64 1.79
N GLU B 21 -8.82 39.40 2.76
CA GLU B 21 -10.17 39.14 3.31
C GLU B 21 -11.28 39.38 2.25
N ALA B 22 -11.12 40.39 1.41
CA ALA B 22 -12.10 40.66 0.36
C ALA B 22 -12.12 39.56 -0.70
N MET B 23 -10.94 39.08 -1.07
CA MET B 23 -10.83 37.96 -2.01
C MET B 23 -11.46 36.71 -1.41
N MET B 24 -11.20 36.49 -0.13
CA MET B 24 -11.74 35.32 0.57
C MET B 24 -13.27 35.32 0.57
N ASP B 25 -13.85 36.49 0.88
CA ASP B 25 -15.32 36.65 0.92
C ASP B 25 -15.91 36.40 -0.47
N PHE B 26 -15.25 36.95 -1.50
CA PHE B 26 -15.68 36.78 -2.89
C PHE B 26 -15.74 35.29 -3.28
N PHE B 27 -14.65 34.58 -3.05
CA PHE B 27 -14.62 33.17 -3.46
C PHE B 27 -15.55 32.29 -2.63
N ASN B 28 -15.64 32.52 -1.34
CA ASN B 28 -16.64 31.82 -0.51
C ASN B 28 -18.09 32.06 -1.00
N ALA B 29 -18.41 33.32 -1.31
CA ALA B 29 -19.72 33.67 -1.85
C ALA B 29 -19.98 32.95 -3.18
N GLN B 30 -18.98 32.93 -4.06
CA GLN B 30 -19.08 32.25 -5.34
C GLN B 30 -19.26 30.74 -5.17
N MET B 31 -18.49 30.13 -4.27
CA MET B 31 -18.67 28.69 -4.01
C MET B 31 -20.09 28.40 -3.54
N ARG B 32 -20.61 29.20 -2.62
CA ARG B 32 -21.99 28.99 -2.13
C ARG B 32 -23.01 29.25 -3.24
N LEU B 33 -22.83 30.33 -3.99
CA LEU B 33 -23.77 30.68 -5.08
C LEU B 33 -23.86 29.57 -6.13
N GLY B 34 -22.71 28.98 -6.46
CA GLY B 34 -22.63 27.95 -7.50
C GLY B 34 -23.04 26.57 -7.02
N GLY B 35 -23.30 26.45 -5.72
CA GLY B 35 -23.67 25.17 -5.12
C GLY B 35 -22.52 24.19 -5.15
N LEU B 36 -21.29 24.71 -5.02
CA LEU B 36 -20.07 23.93 -5.21
C LEU B 36 -19.42 23.51 -3.88
N THR B 37 -20.02 23.89 -2.76
CA THR B 37 -19.49 23.48 -1.45
C THR B 37 -20.00 22.08 -1.12
N GLN B 38 -19.16 21.30 -0.46
CA GLN B 38 -19.50 19.93 -0.09
C GLN B 38 -19.92 19.81 1.39
N ALA B 39 -20.03 20.95 2.07
CA ALA B 39 -20.36 21.01 3.48
C ALA B 39 -20.76 22.42 3.83
N PRO B 40 -21.46 22.60 4.97
CA PRO B 40 -21.70 23.96 5.43
C PRO B 40 -20.39 24.71 5.69
N GLY B 41 -20.44 26.04 5.66
CA GLY B 41 -19.28 26.87 6.00
C GLY B 41 -18.46 27.34 4.81
N ASN B 42 -17.21 27.69 5.09
CA ASN B 42 -16.35 28.37 4.14
C ASN B 42 -15.25 27.50 3.53
N PRO B 43 -15.34 27.20 2.21
CA PRO B 43 -14.27 26.44 1.56
C PRO B 43 -12.89 27.08 1.53
N VAL B 44 -12.82 28.40 1.42
CA VAL B 44 -11.53 29.11 1.37
C VAL B 44 -11.09 29.46 2.79
N LEU B 45 -9.94 28.92 3.19
CA LEU B 45 -9.39 29.12 4.52
C LEU B 45 -8.54 30.36 4.63
N ALA B 46 -7.81 30.66 3.56
CA ALA B 46 -6.82 31.74 3.58
C ALA B 46 -6.57 32.21 2.16
N VAL B 47 -6.18 33.47 2.03
CA VAL B 47 -5.57 33.97 0.79
C VAL B 47 -4.30 34.79 1.07
N GLN B 48 -3.32 34.63 0.18
CA GLN B 48 -2.07 35.40 0.19
C GLN B 48 -1.93 36.16 -1.12
N ILE B 49 -1.87 37.49 -1.03
CA ILE B 49 -1.74 38.35 -2.21
C ILE B 49 -0.33 38.89 -2.37
N ASN B 50 0.15 38.89 -3.61
CA ASN B 50 1.33 39.65 -3.98
C ASN B 50 0.83 40.88 -4.74
N GLN B 51 0.87 42.04 -4.10
CA GLN B 51 0.27 43.24 -4.68
C GLN B 51 1.00 43.64 -5.97
N ASP B 52 2.33 43.61 -5.91
CA ASP B 52 3.17 44.15 -6.97
C ASP B 52 3.10 43.36 -8.27
N LYS B 53 2.87 42.05 -8.17
CA LYS B 53 2.78 41.19 -9.35
C LYS B 53 1.36 40.74 -9.63
N ASN B 54 0.41 41.33 -8.91
CA ASN B 54 -1.02 41.15 -9.14
C ASN B 54 -1.49 39.70 -9.22
N PHE B 55 -1.14 38.93 -8.20
CA PHE B 55 -1.62 37.57 -8.08
C PHE B 55 -1.82 37.16 -6.62
N ALA B 56 -2.56 36.08 -6.46
CA ALA B 56 -2.83 35.55 -5.15
C ALA B 56 -2.86 34.04 -5.19
N PHE B 57 -2.69 33.43 -4.02
CA PHE B 57 -3.06 32.05 -3.84
C PHE B 57 -4.23 31.92 -2.86
N LEU B 58 -5.16 31.05 -3.21
CA LEU B 58 -6.28 30.65 -2.34
C LEU B 58 -5.92 29.33 -1.72
N GLU B 59 -6.27 29.15 -0.44
CA GLU B 59 -6.07 27.90 0.26
C GLU B 59 -7.45 27.40 0.62
N PHE B 60 -7.76 26.16 0.25
CA PHE B 60 -9.06 25.55 0.48
C PHE B 60 -8.98 24.51 1.60
N ARG B 61 -10.13 24.27 2.22
CA ARG B 61 -10.27 23.24 3.22
C ARG B 61 -10.30 21.82 2.65
N SER B 62 -10.62 21.66 1.37
CA SER B 62 -10.71 20.31 0.80
C SER B 62 -10.18 20.24 -0.62
N VAL B 63 -9.76 19.03 -1.00
CA VAL B 63 -9.24 18.78 -2.35
C VAL B 63 -10.38 18.88 -3.38
N ASP B 64 -11.53 18.30 -3.08
CA ASP B 64 -12.65 18.34 -4.04
C ASP B 64 -13.19 19.76 -4.29
N GLU B 65 -13.20 20.60 -3.26
CA GLU B 65 -13.68 21.97 -3.42
C GLU B 65 -12.69 22.82 -4.19
N THR B 66 -11.41 22.52 -4.06
CA THR B 66 -10.36 23.19 -4.84
C THR B 66 -10.55 22.90 -6.32
N THR B 67 -10.79 21.65 -6.64
CA THR B 67 -11.05 21.24 -8.00
C THR B 67 -12.30 21.93 -8.54
N GLN B 68 -13.36 21.96 -7.73
CA GLN B 68 -14.60 22.67 -8.10
C GLN B 68 -14.36 24.13 -8.45
N ALA B 69 -13.46 24.79 -7.71
CA ALA B 69 -13.20 26.22 -7.88
C ALA B 69 -12.47 26.54 -9.20
N MET B 70 -11.85 25.54 -9.83
CA MET B 70 -11.23 25.73 -11.15
C MET B 70 -12.25 26.23 -12.18
N ALA B 71 -13.53 25.95 -11.93
CA ALA B 71 -14.63 26.39 -12.78
C ALA B 71 -14.77 27.92 -12.83
N PHE B 72 -14.17 28.59 -11.86
CA PHE B 72 -14.24 30.06 -11.77
C PHE B 72 -13.26 30.78 -12.67
N ASP B 73 -12.45 30.07 -13.44
CA ASP B 73 -11.57 30.75 -14.37
C ASP B 73 -12.39 31.70 -15.21
N GLY B 74 -11.92 32.94 -15.33
CA GLY B 74 -12.61 33.98 -16.07
C GLY B 74 -13.67 34.75 -15.30
N ILE B 75 -13.95 34.36 -14.05
CA ILE B 75 -15.00 35.00 -13.24
C ILE B 75 -14.69 36.50 -13.07
N ILE B 76 -15.73 37.33 -13.00
CA ILE B 76 -15.54 38.77 -12.88
C ILE B 76 -15.51 39.15 -11.40
N PHE B 77 -14.43 39.84 -11.02
CA PHE B 77 -14.28 40.42 -9.68
C PHE B 77 -13.88 41.87 -9.85
N GLN B 78 -14.65 42.77 -9.23
CA GLN B 78 -14.45 44.20 -9.37
C GLN B 78 -14.21 44.58 -10.83
N GLY B 79 -15.05 44.02 -11.70
CA GLY B 79 -15.02 44.36 -13.12
C GLY B 79 -13.91 43.72 -13.94
N GLN B 80 -13.08 42.89 -13.31
CA GLN B 80 -11.92 42.25 -13.97
C GLN B 80 -12.09 40.74 -14.04
N SER B 81 -11.62 40.15 -15.12
CA SER B 81 -11.73 38.71 -15.34
C SER B 81 -10.54 37.99 -14.70
N LEU B 82 -10.81 37.17 -13.70
CA LEU B 82 -9.75 36.49 -12.95
C LEU B 82 -9.24 35.27 -13.70
N LYS B 83 -7.94 35.05 -13.62
CA LYS B 83 -7.30 33.86 -14.17
C LYS B 83 -7.07 32.84 -13.05
N ILE B 84 -7.62 31.64 -13.20
CA ILE B 84 -7.56 30.62 -12.16
C ILE B 84 -6.82 29.41 -12.71
N ARG B 85 -5.76 28.98 -12.00
CA ARG B 85 -4.93 27.86 -12.42
C ARG B 85 -4.49 27.06 -11.22
N ARG B 86 -4.05 25.83 -11.50
CA ARG B 86 -3.39 25.01 -10.50
C ARG B 86 -2.03 25.62 -10.15
N PRO B 87 -1.56 25.41 -8.92
CA PRO B 87 -0.18 25.75 -8.61
C PRO B 87 0.75 24.95 -9.54
N HIS B 88 1.93 25.46 -9.84
CA HIS B 88 2.84 24.76 -10.76
C HIS B 88 3.31 23.42 -10.20
N ASP B 89 3.32 23.27 -8.89
CA ASP B 89 3.74 22.00 -8.29
C ASP B 89 2.57 21.04 -7.99
N TYR B 90 1.37 21.37 -8.50
CA TYR B 90 0.23 20.48 -8.37
C TYR B 90 0.53 19.11 -8.95
N GLN B 91 0.15 18.06 -8.22
CA GLN B 91 0.31 16.70 -8.67
C GLN B 91 -1.06 16.09 -9.03
N PRO B 92 -1.34 15.94 -10.34
CA PRO B 92 -2.62 15.34 -10.74
C PRO B 92 -2.71 13.86 -10.36
N LEU B 93 -1.56 13.17 -10.36
CA LEU B 93 -1.49 11.80 -9.86
C LEU B 93 -0.79 11.79 -8.49
N PRO B 94 -1.58 11.94 -7.40
CA PRO B 94 -1.00 11.86 -6.05
C PRO B 94 -0.03 10.69 -5.87
N GLY B 95 1.06 10.91 -5.15
CA GLY B 95 2.02 9.86 -4.83
C GLY B 95 2.88 9.35 -5.97
N ALA B 96 2.89 10.06 -7.11
CA ALA B 96 3.70 9.67 -8.25
C ALA B 96 5.22 9.82 -7.98
N HIS B 97 5.60 10.56 -6.95
CA HIS B 97 7.00 10.81 -6.68
C HIS B 97 7.46 10.29 -5.33
N LYS B 98 6.62 9.48 -4.72
CA LYS B 98 7.00 8.74 -3.53
C LYS B 98 8.07 7.72 -3.95
N LEU B 99 9.13 7.64 -3.15
CA LEU B 99 10.23 6.72 -3.39
C LEU B 99 10.24 5.57 -2.41
N PHE B 100 10.64 4.40 -2.93
CA PHE B 100 11.02 3.24 -2.14
C PHE B 100 12.55 3.20 -2.09
N ILE B 101 13.06 3.03 -0.86
CA ILE B 101 14.47 2.88 -0.60
C ILE B 101 14.65 1.50 0.03
N GLY B 102 15.31 0.60 -0.68
CA GLY B 102 15.57 -0.75 -0.22
C GLY B 102 17.06 -1.05 -0.14
N GLY B 103 17.42 -2.12 0.56
CA GLY B 103 18.83 -2.49 0.70
C GLY B 103 19.57 -1.69 1.76
N LEU B 104 18.82 -1.12 2.70
CA LEU B 104 19.41 -0.36 3.78
C LEU B 104 19.97 -1.31 4.83
N PRO B 105 21.20 -1.04 5.29
CA PRO B 105 21.72 -1.76 6.45
C PRO B 105 20.69 -1.70 7.58
N ASN B 106 20.40 -2.85 8.19
CA ASN B 106 19.26 -2.97 9.10
C ASN B 106 19.46 -2.40 10.51
N TYR B 107 20.62 -1.80 10.74
CA TYR B 107 20.91 -1.12 12.01
C TYR B 107 20.69 0.38 11.94
N LEU B 108 20.54 0.93 10.74
CA LEU B 108 20.35 2.36 10.58
C LEU B 108 18.96 2.74 11.10
N ASN B 109 18.88 3.87 11.81
CA ASN B 109 17.60 4.36 12.30
C ASN B 109 17.02 5.45 11.38
N ASP B 110 15.87 6.00 11.77
CA ASP B 110 15.20 7.03 10.96
C ASP B 110 16.12 8.18 10.58
N ASP B 111 16.73 8.80 11.59
CA ASP B 111 17.56 9.99 11.36
C ASP B 111 18.73 9.72 10.40
N GLN B 112 19.33 8.54 10.55
CA GLN B 112 20.49 8.17 9.74
C GLN B 112 20.10 7.96 8.28
N VAL B 113 18.99 7.27 8.07
CA VAL B 113 18.46 7.06 6.72
C VAL B 113 18.04 8.40 6.10
N LYS B 114 17.40 9.27 6.87
CA LYS B 114 17.04 10.62 6.38
C LYS B 114 18.26 11.45 5.99
N GLU B 115 19.34 11.34 6.76
CA GLU B 115 20.58 12.07 6.48
C GLU B 115 21.13 11.68 5.10
N LEU B 116 20.95 10.43 4.72
CA LEU B 116 21.27 9.95 3.38
C LEU B 116 20.37 10.60 2.29
N LEU B 117 19.09 10.75 2.59
CA LEU B 117 18.13 11.27 1.61
C LEU B 117 18.19 12.80 1.47
N THR B 118 18.49 13.49 2.57
CA THR B 118 18.39 14.94 2.61
C THR B 118 19.62 15.64 2.02
N SER B 119 20.64 14.87 1.62
CA SER B 119 21.73 15.44 0.81
C SER B 119 21.18 16.05 -0.48
N PHE B 120 20.05 15.51 -0.97
CA PHE B 120 19.43 16.00 -2.20
C PHE B 120 18.37 17.08 -1.98
N GLY B 121 17.96 17.31 -0.73
CA GLY B 121 17.03 18.37 -0.39
C GLY B 121 16.07 17.93 0.69
N PRO B 122 15.28 18.87 1.23
CA PRO B 122 14.34 18.54 2.31
C PRO B 122 13.24 17.57 1.91
N LEU B 123 12.80 16.78 2.87
CA LEU B 123 11.77 15.76 2.65
C LEU B 123 10.44 16.27 3.17
N LYS B 124 9.35 15.95 2.47
CA LYS B 124 8.03 16.23 3.00
C LYS B 124 7.43 15.03 3.73
N ALA B 125 7.85 13.82 3.34
CA ALA B 125 7.44 12.61 4.02
C ALA B 125 8.60 11.62 4.11
N PHE B 126 8.64 10.90 5.22
CA PHE B 126 9.58 9.79 5.37
C PHE B 126 9.01 8.78 6.35
N ASN B 127 9.21 7.50 6.06
CA ASN B 127 9.12 6.47 7.09
C ASN B 127 10.06 5.31 6.83
N LEU B 128 10.67 4.81 7.90
CA LEU B 128 11.48 3.61 7.85
C LEU B 128 10.60 2.47 8.39
N VAL B 129 10.45 1.40 7.63
CA VAL B 129 9.61 0.29 8.04
C VAL B 129 10.34 -0.59 9.06
N LYS B 130 9.63 -0.90 10.13
CA LYS B 130 10.18 -1.67 11.23
C LYS B 130 9.24 -2.80 11.58
N ASP B 131 9.81 -3.88 12.12
CA ASP B 131 9.02 -4.99 12.63
C ASP B 131 8.43 -4.53 13.94
N SER B 132 7.10 -4.45 14.00
CA SER B 132 6.41 -3.91 15.18
C SER B 132 6.66 -4.73 16.46
N ALA B 133 6.91 -6.03 16.30
CA ALA B 133 7.23 -6.90 17.42
C ALA B 133 8.56 -6.54 18.08
N THR B 134 9.58 -6.29 17.28
CA THR B 134 10.95 -6.08 17.76
C THR B 134 11.38 -4.60 17.68
N GLY B 135 10.69 -3.82 16.86
CA GLY B 135 11.11 -2.44 16.57
C GLY B 135 12.30 -2.38 15.63
N LEU B 136 12.68 -3.53 15.06
CA LEU B 136 13.86 -3.64 14.21
C LEU B 136 13.52 -3.23 12.80
N SER B 137 14.39 -2.46 12.17
CA SER B 137 14.22 -2.06 10.78
C SER B 137 14.11 -3.27 9.87
N LYS B 138 13.19 -3.20 8.90
CA LYS B 138 13.07 -4.26 7.89
C LYS B 138 14.00 -3.99 6.70
N GLY B 139 14.73 -2.89 6.74
CA GLY B 139 15.74 -2.59 5.73
C GLY B 139 15.20 -1.84 4.54
N TYR B 140 13.99 -1.31 4.66
CA TYR B 140 13.46 -0.44 3.62
C TYR B 140 12.63 0.71 4.16
N ALA B 141 12.58 1.75 3.34
CA ALA B 141 11.95 3.01 3.69
C ALA B 141 11.24 3.60 2.47
N PHE B 142 10.46 4.64 2.76
CA PHE B 142 9.73 5.40 1.77
C PHE B 142 9.93 6.87 2.08
N CYS B 143 9.98 7.69 1.05
CA CYS B 143 10.05 9.13 1.25
C CYS B 143 9.43 9.90 0.08
N GLU B 144 9.16 11.18 0.32
CA GLU B 144 8.85 12.10 -0.77
C GLU B 144 9.54 13.43 -0.48
N TYR B 145 10.18 13.99 -1.51
CA TYR B 145 10.86 15.28 -1.38
C TYR B 145 9.89 16.44 -1.42
N VAL B 146 10.23 17.50 -0.70
CA VAL B 146 9.47 18.75 -0.78
C VAL B 146 9.38 19.23 -2.21
N ASP B 147 10.51 19.26 -2.90
CA ASP B 147 10.55 19.64 -4.31
C ASP B 147 10.56 18.38 -5.16
N ILE B 148 9.46 18.12 -5.84
CA ILE B 148 9.33 16.85 -6.56
C ILE B 148 10.33 16.73 -7.73
N ASN B 149 10.90 17.86 -8.17
CA ASN B 149 11.90 17.85 -9.24
C ASN B 149 13.27 17.32 -8.82
N VAL B 150 13.47 17.13 -7.51
CA VAL B 150 14.70 16.56 -6.95
C VAL B 150 14.66 15.02 -7.00
N THR B 151 13.46 14.45 -7.08
CA THR B 151 13.25 12.99 -7.06
C THR B 151 14.19 12.21 -7.98
N ASP B 152 14.25 12.59 -9.25
CA ASP B 152 15.11 11.86 -10.19
C ASP B 152 16.61 12.07 -9.95
N GLN B 153 16.98 13.23 -9.40
CA GLN B 153 18.35 13.48 -8.93
C GLN B 153 18.72 12.50 -7.81
N ALA B 154 17.79 12.28 -6.90
CA ALA B 154 18.01 11.42 -5.76
C ALA B 154 18.12 9.96 -6.21
N ILE B 155 17.24 9.55 -7.11
CA ILE B 155 17.31 8.18 -7.64
C ILE B 155 18.65 7.96 -8.35
N ALA B 156 19.04 8.91 -9.18
CA ALA B 156 20.31 8.83 -9.89
C ALA B 156 21.50 8.75 -8.93
N GLY B 157 21.48 9.57 -7.90
CA GLY B 157 22.56 9.57 -6.91
C GLY B 157 22.63 8.37 -5.98
N LEU B 158 21.48 7.80 -5.61
CA LEU B 158 21.41 6.75 -4.58
C LEU B 158 21.21 5.33 -5.12
N ASN B 159 20.45 5.18 -6.19
CA ASN B 159 20.19 3.85 -6.73
C ASN B 159 21.50 3.11 -7.08
N GLY B 160 21.70 1.96 -6.44
CA GLY B 160 22.91 1.18 -6.65
C GLY B 160 24.08 1.58 -5.78
N MET B 161 23.95 2.68 -5.02
CA MET B 161 25.01 3.13 -4.11
C MET B 161 25.38 2.00 -3.16
N GLN B 162 26.67 1.69 -3.10
CA GLN B 162 27.15 0.71 -2.15
C GLN B 162 27.12 1.38 -0.78
N LEU B 163 26.44 0.73 0.16
CA LEU B 163 26.33 1.24 1.50
C LEU B 163 26.85 0.15 2.45
N GLY B 164 28.16 0.19 2.68
CA GLY B 164 28.87 -0.86 3.39
C GLY B 164 28.66 -2.22 2.73
N ASP B 165 27.93 -3.08 3.43
CA ASP B 165 27.70 -4.45 3.02
C ASP B 165 26.64 -4.57 1.91
N LYS B 166 25.87 -3.51 1.73
CA LYS B 166 24.67 -3.59 0.90
C LYS B 166 24.68 -2.61 -0.27
N LYS B 167 23.79 -2.88 -1.23
CA LYS B 167 23.60 -2.04 -2.41
C LYS B 167 22.17 -1.50 -2.33
N LEU B 168 22.03 -0.18 -2.35
CA LEU B 168 20.70 0.43 -2.33
C LEU B 168 19.87 0.20 -3.60
N LEU B 169 18.57 0.04 -3.40
CA LEU B 169 17.60 0.12 -4.49
C LEU B 169 16.76 1.36 -4.21
N VAL B 170 16.83 2.34 -5.11
CA VAL B 170 16.02 3.55 -4.95
C VAL B 170 15.22 3.72 -6.25
N GLN B 171 13.90 3.72 -6.13
CA GLN B 171 13.03 3.79 -7.28
C GLN B 171 11.72 4.43 -6.85
N ARG B 172 10.91 4.88 -7.81
CA ARG B 172 9.54 5.29 -7.47
C ARG B 172 8.79 4.09 -6.93
N ALA B 173 8.10 4.32 -5.82
CA ALA B 173 7.40 3.26 -5.08
C ALA B 173 6.19 2.78 -5.85
N SER B 174 5.63 3.71 -6.62
CA SER B 174 4.70 3.49 -7.73
C SER B 174 3.27 3.50 -7.30
N1 BRU C 5 0.29 -7.05 7.93
C2 BRU C 5 -0.52 -8.20 7.91
N3 BRU C 5 -0.47 -9.02 6.86
C4 BRU C 5 0.32 -8.77 5.78
C5 BRU C 5 1.20 -7.57 5.73
C6 BRU C 5 1.11 -6.77 6.87
O2 BRU C 5 -1.26 -8.49 8.89
O4 BRU C 5 0.26 -9.61 4.86
BR BRU C 5 2.14 -7.19 4.55
C1' BRU C 5 0.24 -6.20 9.12
C2' BRU C 5 1.50 -6.26 9.97
C3' BRU C 5 1.50 -4.88 10.60
C4' BRU C 5 0.85 -3.99 9.56
O3' BRU C 5 0.69 -4.85 11.79
O4' BRU C 5 0.05 -4.85 8.76
C5' BRU C 5 1.85 -3.26 8.65
O5' BRU C 5 2.82 -4.21 8.20
P BRU C 5 4.39 -3.83 8.13
OP1 BRU C 5 4.83 -3.27 9.46
OP2 BRU C 5 5.16 -4.96 7.53
N1 BRU D 5 1.99 30.46 -10.52
C2 BRU D 5 1.33 29.23 -10.41
N3 BRU D 5 0.48 28.85 -11.37
C4 BRU D 5 0.22 29.65 -12.43
C5 BRU D 5 0.87 30.97 -12.61
C6 BRU D 5 1.76 31.30 -11.58
O2 BRU D 5 1.54 28.46 -9.44
O4 BRU D 5 -0.60 29.21 -13.28
BR BRU D 5 0.60 31.92 -13.83
C1' BRU D 5 2.94 30.84 -9.45
C2' BRU D 5 4.38 30.88 -9.96
C3' BRU D 5 5.02 31.89 -9.05
C4' BRU D 5 3.88 32.84 -8.70
O3' BRU D 5 5.46 31.30 -7.83
O4' BRU D 5 2.68 32.15 -8.96
C5' BRU D 5 3.89 34.08 -9.55
O5' BRU D 5 4.00 33.70 -10.91
P BRU D 5 5.07 34.44 -11.89
OP1 BRU D 5 6.37 34.62 -11.18
OP2 BRU D 5 4.97 33.73 -13.21
C1 DIO E . 18.83 -42.44 5.76
C2 DIO E . 18.92 -42.16 8.15
C1' DIO E . 17.87 -43.58 6.13
C2' DIO E . 17.40 -42.11 7.99
O1 DIO E . 19.58 -41.98 6.89
O1' DIO E . 16.94 -43.18 7.13
C1 DIO F . -11.51 -19.40 11.19
C2 DIO F . -9.77 -21.09 11.24
C1' DIO F . -10.81 -19.01 12.50
C2' DIO F . -8.77 -20.06 11.75
O1 DIO F . -10.81 -20.44 10.50
O1' DIO F . -9.40 -18.88 12.27
S SO4 G . 3.86 -11.74 0.53
O1 SO4 G . 3.49 -11.69 -0.88
O2 SO4 G . 4.32 -10.43 1.00
O3 SO4 G . 2.73 -12.19 1.33
O4 SO4 G . 4.94 -12.71 0.71
S SO4 H . -10.22 -11.08 16.56
O1 SO4 H . -10.99 -10.10 17.31
O2 SO4 H . -10.85 -11.31 15.27
O3 SO4 H . -10.17 -12.34 17.32
O4 SO4 H . -8.87 -10.57 16.37
S SO4 I . -6.91 -18.62 2.53
O1 SO4 I . -5.99 -17.95 3.44
O2 SO4 I . -7.82 -19.51 3.25
O3 SO4 I . -7.67 -17.65 1.76
O4 SO4 I . -6.12 -19.45 1.60
C1 GOL J . -1.60 6.18 10.96
O1 GOL J . -0.39 6.21 11.67
C2 GOL J . -2.11 7.60 10.77
O2 GOL J . -3.22 7.58 9.87
C3 GOL J . -2.54 8.20 12.10
O3 GOL J . -1.53 9.06 12.61
C1 DIO K . 8.26 15.14 7.79
C2 DIO K . 9.91 13.46 7.90
C1' DIO K . 9.20 16.01 6.96
C2' DIO K . 10.81 14.25 6.96
O1 DIO K . 8.56 13.76 7.56
O1' DIO K . 10.56 15.63 7.18
C1 DIO L . -24.02 27.35 5.37
C2 DIO L . -22.34 29.01 5.31
C1' DIO L . -24.33 27.71 6.82
C2' DIO L . -22.64 29.41 6.75
O1 DIO L . -22.65 27.63 5.12
O1' DIO L . -24.00 29.07 7.10
C1 DIO M . 15.19 0.01 14.05
C2 DIO M . 17.56 -0.07 13.80
C1' DIO M . 15.38 1.46 13.66
C2' DIO M . 17.48 1.10 14.79
O1 DIO M . 16.34 -0.79 13.74
O1' DIO M . 16.39 2.00 14.51
C1 CPQ N . 26.12 9.04 8.42
C2 CPQ N . 25.48 7.70 8.08
C3 CPQ N . 27.73 6.41 8.40
C4 CPQ N . 28.72 5.39 7.84
C5 CPQ N . 28.01 4.10 7.46
C6 CPQ N . 26.84 4.44 6.55
C7 CPQ N . 26.33 3.08 6.08
C8 CPQ N . 27.60 2.24 5.96
C9 CPQ N . 28.74 3.09 6.56
C10 CPQ N . 27.55 3.42 8.75
C11 CPQ N . 24.88 7.11 9.35
C12 CPQ N . 26.63 9.80 7.21
C13 CPQ N . 25.50 10.04 6.22
C14 CPQ N . 24.88 8.71 5.81
C15 CPQ N . 24.38 7.95 7.05
C16 CPQ N . 23.69 6.67 6.59
C17 CPQ N . 24.67 5.60 6.14
C18 CPQ N . 25.81 5.38 7.14
C19 CPQ N . 26.51 6.69 7.51
C20 CPQ N . 29.83 2.21 7.19
C21 CPQ N . 30.82 3.05 7.98
C22 CPQ N . 30.53 1.34 6.12
C23 CPQ N . 32.03 1.58 6.00
O2 CPQ N . 26.00 10.75 5.06
O4 CPQ N . 29.39 5.96 6.70
C57 CPQ N . 32.63 0.68 4.93
O58 CPQ N . 33.42 1.18 4.12
S SO4 O . -9.53 16.34 1.70
O1 SO4 O . -9.11 17.61 1.12
O2 SO4 O . -8.35 15.55 2.04
O3 SO4 O . -10.34 16.59 2.89
O4 SO4 O . -10.32 15.60 0.70
S SO4 P . -2.06 28.96 -19.53
O1 SO4 P . -1.51 29.94 -18.58
O2 SO4 P . -3.04 29.60 -20.41
O3 SO4 P . -2.71 27.86 -18.81
O4 SO4 P . -0.98 28.39 -20.34
S SO4 Q . -7.46 20.37 -13.35
O1 SO4 Q . -6.95 21.61 -12.78
O2 SO4 Q . -6.48 19.32 -13.13
O3 SO4 Q . -8.74 20.01 -12.71
O4 SO4 Q . -7.69 20.59 -14.77
C1 GOL R . 9.57 4.46 -12.67
O1 GOL R . 8.26 4.71 -12.24
C2 GOL R . 10.59 5.20 -11.79
O2 GOL R . 11.03 6.43 -12.34
C3 GOL R . 11.79 4.32 -11.50
O3 GOL R . 12.29 4.69 -10.25
#